data_5QHZ
#
_entry.id   5QHZ
#
_cell.length_a   34.399
_cell.length_b   41.583
_cell.length_c   111.380
_cell.angle_alpha   90.000
_cell.angle_beta   90.000
_cell.angle_gamma   90.000
#
_symmetry.space_group_name_H-M   'P 21 21 21'
#
loop_
_entity.id
_entity.type
_entity.pdbx_description
1 polymer 'Poly [ADP-ribose] polymerase 14'
2 non-polymer 'CHLORIDE ION'
3 non-polymer 'DIMETHYL SULFOXIDE'
4 non-polymer 2-cyano-~{N}-cyclohexyl-ethanamide
5 water water
#
_entity_poly.entity_id   1
_entity_poly.type   'polypeptide(L)'
_entity_poly.pdbx_seq_one_letter_code
;SMFYGTVSSPDSGVYEMKIGSIIFQVASGDITKEEADVIVNSTSNSFNLKAGVSKAILECAGQNVERECSQQAQQRKNDY
IITGGGFLRCKNIIHVIGGNDVKSSVSSVLQECEKKNYSSICLPAIGTGNAKQHPDKVAEAIIDAIEDFVQKGSAQSVKK
VKVVIFLPQVLDVFYANMKKREG
;
_entity_poly.pdbx_strand_id   A
#
# COMPACT_ATOMS: atom_id res chain seq x y z
N MET A 2 4.70 12.32 -19.69
CA MET A 2 3.84 11.33 -20.41
C MET A 2 2.58 10.81 -19.70
N PHE A 3 2.56 10.93 -18.36
CA PHE A 3 1.51 10.33 -17.48
C PHE A 3 0.93 11.22 -16.34
N TYR A 4 1.74 12.15 -15.82
CA TYR A 4 1.43 12.86 -14.57
C TYR A 4 0.56 14.11 -14.76
N GLY A 5 -0.48 14.19 -13.95
CA GLY A 5 -1.30 15.39 -13.79
C GLY A 5 -0.74 16.40 -12.77
N THR A 6 -1.63 17.23 -12.24
CA THR A 6 -1.30 18.34 -11.33
C THR A 6 -1.58 17.94 -9.87
N VAL A 7 -0.68 18.31 -8.96
CA VAL A 7 -0.90 18.08 -7.52
C VAL A 7 -1.87 19.11 -6.93
N SER A 8 -2.91 18.67 -6.24
CA SER A 8 -3.82 19.57 -5.52
C SER A 8 -4.34 18.91 -4.23
N SER A 9 -5.10 19.66 -3.42
CA SER A 9 -5.67 19.12 -2.17
C SER A 9 -7.21 19.14 -2.22
N PRO A 10 -7.87 17.97 -2.41
CA PRO A 10 -9.34 17.94 -2.56
C PRO A 10 -10.10 18.05 -1.23
N ASP A 11 -9.41 17.73 -0.14
CA ASP A 11 -9.97 17.72 1.22
C ASP A 11 -8.81 18.08 2.14
N SER A 12 -9.13 18.63 3.29
CA SER A 12 -8.14 19.01 4.28
C SER A 12 -7.22 17.81 4.61
N GLY A 13 -5.90 18.00 4.48
CA GLY A 13 -4.92 16.96 4.77
C GLY A 13 -4.76 15.84 3.73
N VAL A 14 -5.42 15.97 2.58
CA VAL A 14 -5.34 14.99 1.49
C VAL A 14 -4.72 15.68 0.26
N TYR A 15 -3.75 15.01 -0.40
CA TYR A 15 -3.05 15.55 -1.59
C TYR A 15 -3.11 14.50 -2.69
N GLU A 16 -3.41 14.93 -3.90
CA GLU A 16 -3.68 14.00 -5.01
C GLU A 16 -3.05 14.43 -6.34
N MET A 17 -2.77 13.45 -7.20
N MET A 17 -2.82 13.45 -7.22
CA MET A 17 -2.44 13.72 -8.58
CA MET A 17 -2.23 13.67 -8.56
C MET A 17 -2.81 12.49 -9.43
C MET A 17 -2.66 12.50 -9.47
N LYS A 18 -3.19 12.76 -10.67
CA LYS A 18 -3.42 11.70 -11.65
C LYS A 18 -2.10 11.09 -12.14
N ILE A 19 -2.09 9.75 -12.27
CA ILE A 19 -1.02 9.00 -12.95
C ILE A 19 -1.76 8.15 -13.98
N GLY A 20 -1.78 8.63 -15.23
CA GLY A 20 -2.65 8.00 -16.25
C GLY A 20 -4.10 8.02 -15.76
N SER A 21 -4.77 6.86 -15.81
CA SER A 21 -6.16 6.74 -15.35
C SER A 21 -6.34 6.56 -13.82
N ILE A 22 -5.24 6.50 -13.06
CA ILE A 22 -5.32 6.25 -11.63
C ILE A 22 -5.24 7.59 -10.84
N ILE A 23 -6.10 7.76 -9.84
N ILE A 23 -6.10 7.74 -9.84
CA ILE A 23 -5.89 8.87 -8.90
CA ILE A 23 -5.97 8.82 -8.85
C ILE A 23 -5.03 8.36 -7.73
C ILE A 23 -5.03 8.33 -7.73
N PHE A 24 -3.86 9.00 -7.58
CA PHE A 24 -2.90 8.73 -6.52
C PHE A 24 -3.06 9.77 -5.40
N GLN A 25 -3.25 9.31 -4.17
CA GLN A 25 -3.48 10.21 -3.04
C GLN A 25 -2.54 9.85 -1.88
N VAL A 26 -2.19 10.86 -1.07
CA VAL A 26 -1.47 10.69 0.20
C VAL A 26 -2.18 11.51 1.31
N ALA A 27 -2.14 10.96 2.53
CA ALA A 27 -2.70 11.64 3.74
C ALA A 27 -2.05 11.04 5.00
N SER A 28 -2.02 11.78 6.10
N SER A 28 -1.99 11.78 6.10
CA SER A 28 -1.59 11.18 7.37
CA SER A 28 -1.59 11.18 7.38
C SER A 28 -2.80 10.72 8.18
C SER A 28 -2.82 10.63 8.08
N GLY A 29 -2.61 9.64 8.95
CA GLY A 29 -3.68 9.11 9.82
C GLY A 29 -3.52 7.64 10.14
N ASP A 30 -4.62 7.07 10.63
CA ASP A 30 -4.68 5.66 11.05
C ASP A 30 -5.28 4.79 9.93
N ILE A 31 -4.41 4.01 9.30
CA ILE A 31 -4.85 3.17 8.15
C ILE A 31 -5.93 2.15 8.52
N THR A 32 -6.00 1.74 9.80
CA THR A 32 -7.04 0.77 10.24
C THR A 32 -8.47 1.32 10.21
N LYS A 33 -8.64 2.62 10.03
CA LYS A 33 -9.96 3.25 9.90
C LYS A 33 -10.39 3.44 8.43
N GLU A 34 -9.51 3.09 7.49
CA GLU A 34 -9.80 3.27 6.05
C GLU A 34 -10.70 2.16 5.48
N GLU A 35 -11.46 2.51 4.45
CA GLU A 35 -12.21 1.55 3.65
C GLU A 35 -11.60 1.49 2.22
N ALA A 36 -11.34 0.27 1.72
CA ALA A 36 -10.81 0.07 0.37
C ALA A 36 -11.03 -1.40 0.00
N ASP A 37 -10.96 -1.74 -1.30
CA ASP A 37 -11.04 -3.16 -1.67
C ASP A 37 -9.88 -3.96 -1.04
N VAL A 38 -8.65 -3.41 -1.14
CA VAL A 38 -7.44 -4.02 -0.49
C VAL A 38 -6.77 -3.00 0.43
N ILE A 39 -6.41 -3.48 1.63
CA ILE A 39 -5.46 -2.78 2.54
C ILE A 39 -4.17 -3.60 2.56
N VAL A 40 -3.04 -2.89 2.42
CA VAL A 40 -1.71 -3.53 2.47
C VAL A 40 -1.10 -3.44 3.88
N ASN A 41 -0.50 -4.54 4.33
CA ASN A 41 0.24 -4.61 5.62
C ASN A 41 1.70 -4.85 5.32
N SER A 42 2.59 -3.99 5.87
CA SER A 42 4.06 -4.15 5.75
C SER A 42 4.59 -4.88 6.98
N THR A 43 5.01 -6.14 6.81
CA THR A 43 5.32 -7.04 7.91
C THR A 43 6.67 -7.72 7.71
N SER A 44 6.93 -8.76 8.49
CA SER A 44 8.17 -9.52 8.41
C SER A 44 8.02 -10.71 7.46
N ASN A 45 9.15 -11.38 7.22
CA ASN A 45 9.15 -12.57 6.34
C ASN A 45 8.40 -13.81 6.92
N SER A 46 7.98 -13.74 8.18
CA SER A 46 7.14 -14.74 8.87
C SER A 46 5.63 -14.34 8.98
N PHE A 47 5.30 -13.14 8.50
CA PHE A 47 3.92 -12.66 8.43
C PHE A 47 3.22 -12.60 9.79
N ASN A 48 4.02 -12.31 10.84
CA ASN A 48 3.52 -12.29 12.24
C ASN A 48 4.10 -11.13 13.08
N LEU A 49 4.62 -10.09 12.41
CA LEU A 49 5.13 -8.91 13.13
C LEU A 49 3.96 -8.15 13.79
N LYS A 50 4.18 -7.64 15.00
CA LYS A 50 3.22 -6.76 15.67
C LYS A 50 3.97 -5.56 16.24
N ALA A 51 4.56 -4.79 15.34
CA ALA A 51 5.38 -3.60 15.68
C ALA A 51 5.23 -2.57 14.53
N GLY A 52 5.20 -1.30 14.90
CA GLY A 52 4.82 -0.27 13.91
C GLY A 52 3.36 -0.47 13.46
N VAL A 53 3.07 -0.08 12.23
CA VAL A 53 1.68 -0.15 11.71
C VAL A 53 1.12 -1.60 11.72
N SER A 54 2.00 -2.62 11.54
CA SER A 54 1.58 -4.01 11.58
C SER A 54 0.86 -4.41 12.88
N LYS A 55 1.27 -3.81 14.01
CA LYS A 55 0.57 -4.06 15.28
C LYS A 55 -0.91 -3.71 15.19
N ALA A 56 -1.19 -2.49 14.77
CA ALA A 56 -2.58 -2.03 14.65
C ALA A 56 -3.38 -2.85 13.62
N ILE A 57 -2.75 -3.14 12.47
CA ILE A 57 -3.44 -3.93 11.44
C ILE A 57 -3.82 -5.31 11.99
N LEU A 58 -2.89 -6.08 12.58
CA LEU A 58 -3.26 -7.42 13.10
C LEU A 58 -4.23 -7.35 14.28
N GLU A 59 -4.08 -6.38 15.19
CA GLU A 59 -5.02 -6.23 16.32
C GLU A 59 -6.45 -5.97 15.85
N CYS A 60 -6.59 -5.07 14.87
N CYS A 60 -6.60 -5.07 14.88
CA CYS A 60 -7.90 -4.70 14.35
CA CYS A 60 -7.92 -4.73 14.36
C CYS A 60 -8.49 -5.78 13.42
C CYS A 60 -8.48 -5.86 13.50
N ALA A 61 -7.64 -6.48 12.64
CA ALA A 61 -8.11 -7.55 11.74
C ALA A 61 -8.66 -8.76 12.50
N GLY A 62 -7.95 -9.16 13.56
CA GLY A 62 -8.39 -10.22 14.46
C GLY A 62 -7.67 -11.54 14.31
N GLN A 63 -7.99 -12.45 15.24
CA GLN A 63 -7.26 -13.71 15.37
C GLN A 63 -7.46 -14.69 14.21
N ASN A 64 -8.61 -14.67 13.54
CA ASN A 64 -8.81 -15.50 12.35
C ASN A 64 -7.81 -15.11 11.22
N VAL A 65 -7.57 -13.81 11.04
CA VAL A 65 -6.54 -13.35 10.07
C VAL A 65 -5.11 -13.77 10.49
N GLU A 66 -4.80 -13.67 11.80
CA GLU A 66 -3.49 -14.16 12.29
C GLU A 66 -3.24 -15.63 11.96
N ARG A 67 -4.28 -16.46 12.17
N ARG A 67 -4.26 -16.47 12.14
CA ARG A 67 -4.20 -17.89 11.85
CA ARG A 67 -4.15 -17.90 11.82
C ARG A 67 -4.06 -18.15 10.33
C ARG A 67 -4.06 -18.18 10.31
N GLU A 68 -4.76 -17.39 9.49
CA GLU A 68 -4.58 -17.48 8.02
C GLU A 68 -3.10 -17.21 7.63
N CYS A 69 -2.51 -16.17 8.24
CA CYS A 69 -1.10 -15.82 7.97
C CYS A 69 -0.13 -16.96 8.34
N SER A 70 -0.26 -17.51 9.55
N SER A 70 -0.29 -17.51 9.54
CA SER A 70 0.69 -18.53 9.99
CA SER A 70 0.65 -18.53 10.04
C SER A 70 0.52 -19.84 9.21
C SER A 70 0.48 -19.89 9.33
N GLN A 71 -0.72 -20.17 8.82
CA GLN A 71 -0.98 -21.38 7.98
C GLN A 71 -0.33 -21.27 6.60
N GLN A 72 -0.52 -20.14 5.91
CA GLN A 72 0.15 -19.95 4.63
C GLN A 72 1.68 -19.90 4.72
N ALA A 73 2.20 -19.27 5.80
CA ALA A 73 3.66 -19.13 5.98
C ALA A 73 4.37 -20.50 6.06
N GLN A 74 3.72 -21.47 6.69
CA GLN A 74 4.30 -22.82 6.82
C GLN A 74 4.14 -23.68 5.56
N GLN A 75 3.16 -23.35 4.72
CA GLN A 75 2.84 -24.12 3.50
C GLN A 75 3.91 -24.05 2.40
N ARG A 76 4.52 -22.88 2.24
CA ARG A 76 5.47 -22.62 1.15
C ARG A 76 6.23 -21.34 1.46
N LYS A 77 7.28 -21.07 0.67
CA LYS A 77 8.05 -19.82 0.77
C LYS A 77 7.32 -18.71 -0.02
N ASN A 78 6.77 -17.72 0.68
CA ASN A 78 5.99 -16.64 0.04
C ASN A 78 6.74 -15.31 0.04
N ASP A 79 6.69 -14.57 -1.10
CA ASP A 79 7.13 -13.16 -1.13
C ASP A 79 6.06 -12.22 -0.50
N TYR A 80 4.79 -12.65 -0.53
CA TYR A 80 3.64 -11.93 0.04
C TYR A 80 2.50 -12.94 0.18
N ILE A 81 1.52 -12.61 1.04
CA ILE A 81 0.33 -13.46 1.17
C ILE A 81 -0.96 -12.61 1.14
N ILE A 82 -2.03 -13.24 0.66
CA ILE A 82 -3.36 -12.63 0.59
C ILE A 82 -4.28 -13.34 1.58
N THR A 83 -4.90 -12.59 2.50
CA THR A 83 -5.87 -13.13 3.47
C THR A 83 -7.21 -12.38 3.36
N GLY A 84 -8.22 -12.86 4.07
CA GLY A 84 -9.42 -12.07 4.32
C GLY A 84 -9.11 -10.76 5.05
N GLY A 85 -10.13 -9.89 5.12
CA GLY A 85 -10.04 -8.62 5.78
C GLY A 85 -10.33 -8.64 7.28
N GLY A 86 -10.88 -9.75 7.79
CA GLY A 86 -11.26 -9.79 9.21
C GLY A 86 -12.21 -8.66 9.56
N PHE A 87 -11.92 -7.93 10.64
CA PHE A 87 -12.68 -6.77 11.06
C PHE A 87 -12.19 -5.41 10.51
N LEU A 88 -11.25 -5.44 9.54
CA LEU A 88 -10.98 -4.24 8.75
C LEU A 88 -12.04 -4.03 7.64
N ARG A 89 -12.17 -2.78 7.18
N ARG A 89 -12.17 -2.79 7.17
CA ARG A 89 -13.14 -2.41 6.14
CA ARG A 89 -13.14 -2.42 6.13
C ARG A 89 -12.54 -2.62 4.74
C ARG A 89 -12.54 -2.62 4.74
N CYS A 90 -12.29 -3.89 4.41
CA CYS A 90 -11.72 -4.26 3.12
C CYS A 90 -12.20 -5.67 2.74
N LYS A 91 -11.98 -6.03 1.46
CA LYS A 91 -12.28 -7.37 0.96
C LYS A 91 -11.11 -8.35 1.17
N ASN A 92 -9.86 -7.85 1.07
CA ASN A 92 -8.67 -8.67 1.36
C ASN A 92 -7.57 -7.77 1.94
N ILE A 93 -6.71 -8.38 2.74
CA ILE A 93 -5.42 -7.76 3.15
C ILE A 93 -4.32 -8.45 2.34
N ILE A 94 -3.42 -7.66 1.74
CA ILE A 94 -2.20 -8.22 1.14
C ILE A 94 -1.02 -7.86 2.06
N HIS A 95 -0.36 -8.90 2.61
CA HIS A 95 0.74 -8.74 3.57
C HIS A 95 2.04 -8.89 2.78
N VAL A 96 2.80 -7.78 2.68
CA VAL A 96 4.08 -7.71 1.97
C VAL A 96 5.22 -7.65 3.01
N ILE A 97 6.42 -8.02 2.57
CA ILE A 97 7.61 -8.06 3.48
C ILE A 97 8.29 -6.68 3.43
N GLY A 98 8.31 -5.96 4.56
CA GLY A 98 8.87 -4.59 4.63
C GLY A 98 10.30 -4.45 4.12
N GLY A 99 11.11 -5.50 4.32
CA GLY A 99 12.52 -5.47 3.88
C GLY A 99 12.75 -5.73 2.41
N ASN A 100 11.73 -6.23 1.70
CA ASN A 100 11.86 -6.53 0.25
C ASN A 100 11.88 -5.23 -0.58
N ASP A 101 12.30 -5.36 -1.83
N ASP A 101 12.31 -5.35 -1.84
CA ASP A 101 12.26 -4.29 -2.80
CA ASP A 101 12.26 -4.27 -2.84
C ASP A 101 10.83 -3.73 -2.88
C ASP A 101 10.83 -3.73 -2.93
N VAL A 102 10.65 -2.45 -2.57
CA VAL A 102 9.31 -1.85 -2.46
C VAL A 102 8.61 -1.74 -3.84
N LYS A 103 9.36 -1.42 -4.89
CA LYS A 103 8.76 -1.33 -6.22
C LYS A 103 8.17 -2.69 -6.63
N SER A 104 8.93 -3.76 -6.38
N SER A 104 8.91 -3.76 -6.37
CA SER A 104 8.44 -5.15 -6.66
CA SER A 104 8.41 -5.11 -6.67
C SER A 104 7.17 -5.48 -5.86
C SER A 104 7.16 -5.46 -5.86
N SER A 105 7.17 -5.14 -4.57
CA SER A 105 6.00 -5.42 -3.70
C SER A 105 4.73 -4.69 -4.20
N VAL A 106 4.87 -3.39 -4.54
CA VAL A 106 3.73 -2.62 -5.04
C VAL A 106 3.27 -3.10 -6.43
N SER A 107 4.21 -3.47 -7.30
CA SER A 107 3.84 -4.10 -8.60
C SER A 107 2.98 -5.35 -8.39
N SER A 108 3.36 -6.18 -7.42
CA SER A 108 2.59 -7.42 -7.11
C SER A 108 1.19 -7.09 -6.58
N VAL A 109 1.09 -6.11 -5.67
CA VAL A 109 -0.23 -5.68 -5.15
C VAL A 109 -1.15 -5.22 -6.32
N LEU A 110 -0.62 -4.39 -7.23
CA LEU A 110 -1.41 -3.87 -8.38
C LEU A 110 -1.91 -5.03 -9.25
N GLN A 111 -1.02 -5.97 -9.55
CA GLN A 111 -1.39 -7.14 -10.39
C GLN A 111 -2.48 -8.01 -9.73
N GLU A 112 -2.33 -8.27 -8.43
CA GLU A 112 -3.32 -9.07 -7.70
C GLU A 112 -4.68 -8.36 -7.63
N CYS A 113 -4.68 -7.02 -7.51
CA CYS A 113 -5.95 -6.28 -7.48
C CYS A 113 -6.64 -6.32 -8.87
N GLU A 114 -5.89 -6.22 -9.97
CA GLU A 114 -6.48 -6.40 -11.32
C GLU A 114 -7.07 -7.80 -11.52
N LYS A 115 -6.40 -8.82 -10.97
CA LYS A 115 -6.90 -10.22 -11.07
C LYS A 115 -8.28 -10.36 -10.39
N LYS A 116 -8.56 -9.59 -9.33
CA LYS A 116 -9.84 -9.64 -8.60
C LYS A 116 -10.85 -8.58 -9.08
N ASN A 117 -10.50 -7.82 -10.13
CA ASN A 117 -11.34 -6.72 -10.64
C ASN A 117 -11.63 -5.65 -9.56
N TYR A 118 -10.65 -5.41 -8.68
CA TYR A 118 -10.78 -4.38 -7.64
C TYR A 118 -10.43 -2.96 -8.16
N SER A 119 -11.05 -1.97 -7.51
CA SER A 119 -10.88 -0.57 -7.93
C SER A 119 -10.06 0.30 -6.96
N SER A 120 -10.01 -0.05 -5.67
CA SER A 120 -9.34 0.81 -4.67
C SER A 120 -8.34 0.03 -3.80
N ILE A 121 -7.22 0.72 -3.51
CA ILE A 121 -6.11 0.18 -2.67
C ILE A 121 -5.73 1.24 -1.65
N CYS A 122 -5.46 0.82 -0.41
N CYS A 122 -5.47 0.81 -0.41
CA CYS A 122 -4.84 1.70 0.57
CA CYS A 122 -4.84 1.63 0.62
C CYS A 122 -3.61 0.99 1.15
C CYS A 122 -3.57 0.94 1.09
N LEU A 123 -2.48 1.72 1.25
CA LEU A 123 -1.22 1.15 1.74
C LEU A 123 -0.53 2.13 2.70
N PRO A 124 0.35 1.60 3.59
CA PRO A 124 1.20 2.46 4.42
C PRO A 124 2.50 2.80 3.66
N ALA A 125 3.39 3.55 4.31
CA ALA A 125 4.76 3.81 3.77
C ALA A 125 5.63 2.55 3.98
N ILE A 126 5.37 1.56 3.14
CA ILE A 126 5.97 0.19 3.22
C ILE A 126 7.48 0.29 3.45
N GLY A 127 7.97 -0.45 4.44
CA GLY A 127 9.43 -0.56 4.67
C GLY A 127 10.02 0.48 5.60
N THR A 128 9.25 1.50 6.03
CA THR A 128 9.78 2.57 6.86
C THR A 128 9.59 2.28 8.38
N GLY A 129 8.98 1.14 8.72
CA GLY A 129 8.87 0.68 10.10
C GLY A 129 10.09 -0.11 10.53
N ASN A 130 9.88 -1.30 11.08
CA ASN A 130 11.01 -2.13 11.56
C ASN A 130 12.07 -2.44 10.48
N ALA A 131 11.70 -2.44 9.20
CA ALA A 131 12.69 -2.69 8.13
C ALA A 131 13.71 -1.53 7.95
N LYS A 132 13.33 -0.33 8.38
CA LYS A 132 14.22 0.82 8.42
C LYS A 132 14.79 1.15 7.00
N GLN A 133 13.95 1.07 5.95
CA GLN A 133 14.27 1.65 4.64
C GLN A 133 14.04 3.18 4.68
N HIS A 134 14.81 3.93 3.91
N HIS A 134 14.82 3.93 3.89
CA HIS A 134 14.75 5.39 3.96
CA HIS A 134 14.78 5.43 3.80
C HIS A 134 13.47 5.92 3.25
C HIS A 134 13.44 5.91 3.22
N PRO A 135 12.76 6.90 3.86
CA PRO A 135 11.45 7.32 3.32
C PRO A 135 11.47 7.89 1.89
N ASP A 136 12.50 8.65 1.48
CA ASP A 136 12.52 9.12 0.06
C ASP A 136 12.70 7.98 -0.94
N LYS A 137 13.52 6.97 -0.60
CA LYS A 137 13.64 5.78 -1.49
C LYS A 137 12.30 5.04 -1.57
N VAL A 138 11.59 4.92 -0.46
CA VAL A 138 10.27 4.25 -0.42
C VAL A 138 9.24 5.04 -1.25
N ALA A 139 9.18 6.37 -1.10
CA ALA A 139 8.25 7.18 -1.91
C ALA A 139 8.55 7.04 -3.41
N GLU A 140 9.82 7.11 -3.78
CA GLU A 140 10.23 6.98 -5.19
C GLU A 140 9.79 5.62 -5.76
N ALA A 141 9.98 4.55 -4.97
CA ALA A 141 9.64 3.18 -5.41
C ALA A 141 8.12 2.98 -5.59
N ILE A 142 7.32 3.47 -4.64
CA ILE A 142 5.86 3.34 -4.72
C ILE A 142 5.32 4.03 -5.98
N ILE A 143 5.74 5.28 -6.21
CA ILE A 143 5.25 6.03 -7.35
C ILE A 143 5.79 5.45 -8.66
N ASP A 144 7.06 5.02 -8.70
CA ASP A 144 7.61 4.34 -9.89
C ASP A 144 6.80 3.08 -10.25
N ALA A 145 6.41 2.28 -9.26
CA ALA A 145 5.61 1.07 -9.54
C ALA A 145 4.30 1.42 -10.25
N ILE A 146 3.62 2.45 -9.77
CA ILE A 146 2.36 2.87 -10.39
C ILE A 146 2.60 3.40 -11.82
N GLU A 147 3.64 4.23 -12.01
CA GLU A 147 4.00 4.71 -13.35
C GLU A 147 4.22 3.54 -14.34
N ASP A 148 4.99 2.53 -13.92
CA ASP A 148 5.28 1.39 -14.79
C ASP A 148 3.99 0.61 -15.16
N PHE A 149 3.13 0.41 -14.17
N PHE A 149 3.12 0.41 -14.18
CA PHE A 149 1.87 -0.31 -14.35
CA PHE A 149 1.88 -0.33 -14.39
C PHE A 149 0.97 0.39 -15.40
C PHE A 149 1.01 0.39 -15.44
N VAL A 150 0.88 1.72 -15.28
CA VAL A 150 0.17 2.56 -16.26
C VAL A 150 0.83 2.51 -17.65
N GLN A 151 2.17 2.64 -17.70
CA GLN A 151 2.92 2.66 -18.97
C GLN A 151 2.68 1.40 -19.79
N LYS A 152 2.58 0.27 -19.09
CA LYS A 152 2.37 -1.05 -19.73
C LYS A 152 0.93 -1.33 -20.15
N GLY A 153 0.01 -0.41 -19.85
CA GLY A 153 -1.40 -0.56 -20.21
C GLY A 153 -2.14 -1.51 -19.31
N SER A 154 -1.64 -1.72 -18.09
CA SER A 154 -2.21 -2.75 -17.19
C SER A 154 -3.39 -2.28 -16.32
N ALA A 155 -3.57 -0.97 -16.18
CA ALA A 155 -4.63 -0.42 -15.35
C ALA A 155 -5.92 -0.49 -16.10
N GLN A 156 -6.85 -1.28 -15.60
CA GLN A 156 -8.17 -1.48 -16.17
C GLN A 156 -9.26 -1.31 -15.07
N SER A 157 -9.23 -2.19 -14.07
N SER A 157 -9.22 -2.21 -14.07
CA SER A 157 -10.12 -2.08 -12.92
CA SER A 157 -10.11 -2.09 -12.91
C SER A 157 -9.60 -1.10 -11.84
C SER A 157 -9.60 -1.10 -11.84
N VAL A 158 -8.28 -1.02 -11.63
CA VAL A 158 -7.72 -0.18 -10.53
C VAL A 158 -7.87 1.31 -10.92
N LYS A 159 -8.54 2.06 -10.02
CA LYS A 159 -8.79 3.50 -10.23
C LYS A 159 -8.23 4.44 -9.15
N LYS A 160 -7.96 3.93 -7.95
CA LYS A 160 -7.57 4.79 -6.81
C LYS A 160 -6.53 4.04 -5.97
N VAL A 161 -5.38 4.70 -5.74
CA VAL A 161 -4.31 4.17 -4.87
C VAL A 161 -3.98 5.26 -3.84
N LYS A 162 -4.22 4.95 -2.56
CA LYS A 162 -4.03 5.96 -1.47
C LYS A 162 -2.99 5.45 -0.47
N VAL A 163 -1.99 6.30 -0.15
CA VAL A 163 -1.03 5.99 0.94
C VAL A 163 -1.47 6.75 2.18
N VAL A 164 -1.82 6.01 3.26
CA VAL A 164 -2.16 6.63 4.56
C VAL A 164 -0.95 6.38 5.46
N ILE A 165 -0.39 7.47 6.00
CA ILE A 165 0.97 7.52 6.56
C ILE A 165 0.90 7.91 8.04
N PHE A 166 1.51 7.08 8.90
CA PHE A 166 1.41 7.27 10.36
C PHE A 166 2.13 8.57 10.85
N LEU A 167 3.36 8.82 10.37
CA LEU A 167 4.13 10.01 10.80
C LEU A 167 3.99 11.18 9.82
N PRO A 168 3.49 12.36 10.31
CA PRO A 168 3.43 13.55 9.43
C PRO A 168 4.75 13.88 8.68
N GLN A 169 5.90 13.66 9.31
CA GLN A 169 7.18 13.96 8.64
C GLN A 169 7.43 13.10 7.41
N VAL A 170 6.88 11.88 7.39
CA VAL A 170 7.01 11.01 6.22
C VAL A 170 6.03 11.47 5.10
N LEU A 171 4.84 11.95 5.48
CA LEU A 171 3.95 12.54 4.47
C LEU A 171 4.63 13.69 3.69
N ASP A 172 5.41 14.53 4.39
CA ASP A 172 6.11 15.64 3.72
C ASP A 172 7.05 15.16 2.61
N VAL A 173 7.74 14.04 2.84
CA VAL A 173 8.64 13.43 1.84
C VAL A 173 7.86 12.93 0.60
N PHE A 174 6.71 12.28 0.81
CA PHE A 174 5.85 11.85 -0.31
C PHE A 174 5.33 13.04 -1.14
N TYR A 175 4.84 14.11 -0.46
CA TYR A 175 4.34 15.28 -1.16
C TYR A 175 5.47 15.93 -2.05
N ALA A 176 6.68 16.06 -1.51
CA ALA A 176 7.79 16.62 -2.30
C ALA A 176 8.08 15.75 -3.56
N ASN A 177 7.95 14.42 -3.40
CA ASN A 177 8.22 13.52 -4.55
C ASN A 177 7.13 13.70 -5.65
N MET A 178 5.87 13.85 -5.20
CA MET A 178 4.79 14.16 -6.16
C MET A 178 5.03 15.48 -6.93
N LYS A 179 5.46 16.53 -6.21
CA LYS A 179 5.73 17.83 -6.84
C LYS A 179 6.87 17.74 -7.86
N LYS A 180 7.83 16.88 -7.59
CA LYS A 180 8.95 16.68 -8.53
C LYS A 180 8.44 16.15 -9.88
N ARG A 181 7.42 15.29 -9.83
CA ARG A 181 6.91 14.61 -11.02
C ARG A 181 5.83 15.36 -11.77
N GLU A 182 5.18 16.36 -11.16
CA GLU A 182 3.91 16.85 -11.73
C GLU A 182 4.03 17.49 -13.10
N GLY A 183 2.94 17.43 -13.88
CA GLY A 183 2.89 18.07 -15.19
C GLY A 183 2.99 19.60 -15.18
#